data_9B06
#
_entry.id   9B06
#
_cell.length_a   51.244
_cell.length_b   52.707
_cell.length_c   54.044
_cell.angle_alpha   90.000
_cell.angle_beta   90.000
_cell.angle_gamma   90.000
#
_symmetry.space_group_name_H-M   'P 21 21 21'
#
loop_
_entity.id
_entity.type
_entity.pdbx_description
1 polymer 'ATP-dependent Clp protease adapter protein ClpS'
2 non-polymer (2S)-2-amino-4-methylpentanal
3 non-polymer THREONINE
4 non-polymer 'NICKEL (II) ION'
5 non-polymer 'MAGNESIUM ION'
6 water water
#
_entity_poly.entity_id   1
_entity_poly.type   'polypeptide(L)'
_entity_poly.pdbx_seq_one_letter_code
;ESTEAPWVTIVWDDPVNLMSYVTYVFQKLFGYSEPHATKLMLQVHNEGKAVVSAGSRESMEVDVSKLHAAGLWATMQQDR
;
_entity_poly.pdbx_strand_id   A,B
#
# COMPACT_ATOMS: atom_id res chain seq x y z
N GLU A 4 9.99 7.34 -16.68
CA GLU A 4 10.27 5.92 -16.48
C GLU A 4 9.90 5.45 -15.07
N ALA A 5 10.06 6.34 -14.09
CA ALA A 5 9.93 5.96 -12.69
C ALA A 5 8.47 5.61 -12.34
N PRO A 6 8.25 4.85 -11.28
CA PRO A 6 6.89 4.72 -10.75
C PRO A 6 6.54 5.89 -9.84
N TRP A 7 5.23 6.11 -9.68
CA TRP A 7 4.66 7.24 -8.97
C TRP A 7 3.75 6.73 -7.87
N VAL A 8 3.36 7.63 -6.94
CA VAL A 8 2.44 7.32 -5.86
C VAL A 8 1.39 8.41 -5.77
N THR A 9 0.19 8.05 -5.32
CA THR A 9 -0.86 8.99 -4.95
C THR A 9 -0.88 9.12 -3.44
N ILE A 10 -0.91 10.36 -2.98
CA ILE A 10 -0.88 10.69 -1.56
C ILE A 10 -2.17 11.39 -1.23
N VAL A 11 -2.83 11.00 -0.13
CA VAL A 11 -3.98 11.73 0.41
C VAL A 11 -3.52 12.49 1.64
N TRP A 12 -3.90 13.76 1.71
CA TRP A 12 -3.49 14.68 2.77
C TRP A 12 -4.64 14.88 3.75
N ASP A 13 -4.29 14.97 5.02
CA ASP A 13 -5.31 15.24 6.03
C ASP A 13 -5.99 16.59 5.80
N ASP A 14 -7.31 16.64 6.00
CA ASP A 14 -8.09 17.85 5.84
C ASP A 14 -9.04 17.98 7.03
N PRO A 15 -9.42 19.19 7.42
CA PRO A 15 -10.17 19.36 8.67
C PRO A 15 -11.68 19.19 8.58
N VAL A 16 -12.21 18.77 7.42
CA VAL A 16 -13.65 18.70 7.19
C VAL A 16 -14.14 17.27 7.04
N ASN A 17 -13.50 16.48 6.15
CA ASN A 17 -14.04 15.18 5.78
C ASN A 17 -14.10 14.24 6.97
N LEU A 18 -15.18 13.47 7.04
CA LEU A 18 -15.35 12.48 8.09
C LEU A 18 -14.36 11.32 7.91
N MET A 19 -13.80 10.85 9.04
CA MET A 19 -12.99 9.63 9.03
C MET A 19 -13.74 8.48 8.37
N SER A 20 -15.05 8.34 8.67
CA SER A 20 -15.80 7.23 8.10
C SER A 20 -15.94 7.39 6.58
N TYR A 21 -16.04 8.64 6.12
CA TYR A 21 -16.15 8.89 4.70
C TYR A 21 -14.88 8.50 4.00
N VAL A 22 -13.72 8.82 4.61
CA VAL A 22 -12.45 8.55 3.96
C VAL A 22 -12.23 7.06 3.81
N THR A 23 -12.51 6.29 4.87
CA THR A 23 -12.46 4.82 4.78
C THR A 23 -13.35 4.29 3.65
N TYR A 24 -14.58 4.79 3.58
CA TYR A 24 -15.50 4.38 2.53
C TYR A 24 -14.98 4.73 1.15
N VAL A 25 -14.43 5.94 0.97
CA VAL A 25 -13.94 6.36 -0.35
C VAL A 25 -12.82 5.43 -0.81
N PHE A 26 -11.94 5.03 0.11
CA PHE A 26 -10.83 4.16 -0.30
C PHE A 26 -11.36 2.79 -0.72
N GLN A 27 -12.39 2.31 -0.06
CA GLN A 27 -13.01 1.07 -0.50
C GLN A 27 -13.70 1.24 -1.84
N LYS A 28 -14.45 2.31 -1.99
CA LYS A 28 -15.25 2.50 -3.20
C LYS A 28 -14.38 2.72 -4.41
N LEU A 29 -13.33 3.55 -4.29
CA LEU A 29 -12.55 3.94 -5.46
C LEU A 29 -11.48 2.92 -5.82
N PHE A 30 -10.95 2.18 -4.84
CA PHE A 30 -9.83 1.27 -5.05
C PHE A 30 -10.14 -0.19 -4.77
N GLY A 31 -11.35 -0.50 -4.30
CA GLY A 31 -11.68 -1.87 -3.95
C GLY A 31 -10.95 -2.43 -2.75
N TYR A 32 -10.33 -1.59 -1.92
CA TYR A 32 -9.61 -2.07 -0.77
C TYR A 32 -10.57 -2.65 0.26
N SER A 33 -10.05 -3.60 1.04
CA SER A 33 -10.80 -4.18 2.12
C SER A 33 -11.00 -3.12 3.21
N GLU A 34 -11.93 -3.42 4.12
CA GLU A 34 -12.17 -2.50 5.23
C GLU A 34 -10.94 -2.32 6.12
N PRO A 35 -10.23 -3.36 6.55
CA PRO A 35 -9.03 -3.11 7.38
C PRO A 35 -7.96 -2.33 6.65
N HIS A 36 -7.82 -2.54 5.35
CA HIS A 36 -6.84 -1.80 4.56
C HIS A 36 -7.23 -0.33 4.48
N ALA A 37 -8.50 -0.06 4.13
CA ALA A 37 -8.98 1.31 4.01
C ALA A 37 -8.88 2.06 5.33
N THR A 38 -9.29 1.41 6.41
CA THR A 38 -9.21 2.03 7.72
C THR A 38 -7.76 2.33 8.11
N LYS A 39 -6.86 1.39 7.85
CA LYS A 39 -5.44 1.61 8.13
C LYS A 39 -4.91 2.84 7.40
N LEU A 40 -5.25 2.99 6.11
CA LEU A 40 -4.78 4.14 5.35
C LEU A 40 -5.42 5.42 5.86
N MET A 41 -6.72 5.39 6.14
CA MET A 41 -7.40 6.54 6.71
C MET A 41 -6.69 6.99 7.99
N LEU A 42 -6.38 6.05 8.87
CA LEU A 42 -5.79 6.46 10.15
C LEU A 42 -4.38 7.02 9.95
N GLN A 43 -3.66 6.48 8.97
CA GLN A 43 -2.35 7.01 8.65
C GLN A 43 -2.47 8.45 8.16
N VAL A 44 -3.45 8.72 7.27
CA VAL A 44 -3.73 10.10 6.88
C VAL A 44 -3.98 10.95 8.11
N HIS A 45 -4.82 10.46 9.01
CA HIS A 45 -5.24 11.32 10.10
C HIS A 45 -4.14 11.50 11.14
N ASN A 46 -3.30 10.48 11.34
CA ASN A 46 -2.31 10.51 12.41
C ASN A 46 -0.90 10.90 11.98
N GLU A 47 -0.55 10.73 10.71
CA GLU A 47 0.70 11.22 10.15
C GLU A 47 0.54 12.47 9.30
N GLY A 48 -0.68 12.85 8.94
CA GLY A 48 -0.94 14.00 8.10
C GLY A 48 -1.07 13.67 6.63
N LYS A 49 -0.58 12.51 6.20
CA LYS A 49 -0.65 12.09 4.80
C LYS A 49 -0.38 10.59 4.74
N ALA A 50 -0.78 9.97 3.63
CA ALA A 50 -0.52 8.56 3.39
C ALA A 50 -0.45 8.30 1.91
N VAL A 51 0.50 7.48 1.50
CA VAL A 51 0.45 6.89 0.16
C VAL A 51 -0.72 5.91 0.10
N VAL A 52 -1.61 6.10 -0.86
CA VAL A 52 -2.80 5.27 -1.01
C VAL A 52 -2.78 4.36 -2.23
N SER A 53 -1.92 4.61 -3.21
CA SER A 53 -1.80 3.76 -4.37
C SER A 53 -0.47 4.08 -5.04
N ALA A 54 -0.08 3.21 -5.96
CA ALA A 54 1.23 3.29 -6.60
C ALA A 54 1.12 2.71 -8.01
N GLY A 55 1.91 3.27 -8.93
CA GLY A 55 1.88 2.81 -10.32
C GLY A 55 2.51 3.82 -11.26
N SER A 56 2.17 3.71 -12.53
CA SER A 56 2.64 4.66 -13.53
C SER A 56 2.09 6.04 -13.24
N ARG A 57 2.81 7.06 -13.72
CA ARG A 57 2.35 8.45 -13.64
C ARG A 57 0.94 8.61 -14.19
N GLU A 58 0.66 8.01 -15.35
CA GLU A 58 -0.68 8.13 -15.93
C GLU A 58 -1.73 7.47 -15.05
N SER A 59 -1.42 6.32 -14.46
CA SER A 59 -2.39 5.68 -13.57
CA SER A 59 -2.40 5.67 -13.57
C SER A 59 -2.63 6.51 -12.32
N MET A 60 -1.60 7.16 -11.80
CA MET A 60 -1.79 7.97 -10.60
C MET A 60 -2.58 9.23 -10.91
N GLU A 61 -2.44 9.76 -12.14
CA GLU A 61 -3.27 10.89 -12.55
C GLU A 61 -4.75 10.56 -12.42
N VAL A 62 -5.14 9.34 -12.76
CA VAL A 62 -6.55 8.95 -12.63
C VAL A 62 -6.96 8.85 -11.16
N ASP A 63 -6.11 8.26 -10.32
CA ASP A 63 -6.44 8.13 -8.90
C ASP A 63 -6.59 9.49 -8.24
N VAL A 64 -5.74 10.46 -8.60
CA VAL A 64 -5.88 11.82 -8.08
C VAL A 64 -7.21 12.41 -8.50
N SER A 65 -7.56 12.27 -9.78
CA SER A 65 -8.81 12.82 -10.28
C SER A 65 -10.00 12.19 -9.57
N LYS A 66 -9.97 10.87 -9.38
CA LYS A 66 -11.07 10.19 -8.71
C LYS A 66 -11.21 10.67 -7.28
N LEU A 67 -10.07 10.87 -6.59
CA LEU A 67 -10.10 11.31 -5.19
C LEU A 67 -10.57 12.75 -5.07
N HIS A 68 -10.14 13.63 -6.00
CA HIS A 68 -10.64 15.00 -6.01
C HIS A 68 -12.15 15.05 -6.18
N ALA A 69 -12.70 14.20 -7.07
CA ALA A 69 -14.15 14.23 -7.27
C ALA A 69 -14.90 13.80 -6.01
N ALA A 70 -14.30 12.91 -5.23
CA ALA A 70 -14.80 12.53 -3.92
C ALA A 70 -14.60 13.61 -2.85
N GLY A 71 -13.85 14.68 -3.14
CA GLY A 71 -13.63 15.75 -2.18
C GLY A 71 -12.43 15.57 -1.26
N LEU A 72 -11.51 14.66 -1.57
CA LEU A 72 -10.33 14.41 -0.76
C LEU A 72 -9.12 15.16 -1.33
N TRP A 73 -8.18 15.51 -0.46
CA TRP A 73 -6.99 16.23 -0.90
C TRP A 73 -5.96 15.23 -1.35
N ALA A 74 -5.81 15.07 -2.67
CA ALA A 74 -4.88 14.11 -3.25
C ALA A 74 -3.87 14.78 -4.16
N THR A 75 -2.63 14.32 -4.09
CA THR A 75 -1.59 14.71 -5.02
C THR A 75 -0.85 13.46 -5.47
N MET A 76 0.01 13.65 -6.46
CA MET A 76 0.88 12.57 -6.91
C MET A 76 2.31 13.06 -7.00
N GLN A 77 3.23 12.11 -6.84
CA GLN A 77 4.64 12.43 -6.96
C GLN A 77 5.41 11.17 -7.32
N GLN A 78 6.60 11.39 -7.84
CA GLN A 78 7.45 10.26 -8.20
C GLN A 78 7.90 9.53 -6.95
N ASP A 79 7.98 8.20 -7.05
CA ASP A 79 8.38 7.33 -5.96
C ASP A 79 9.88 7.11 -6.10
N ARG A 80 10.62 7.45 -5.06
CA ARG A 80 12.08 7.44 -5.10
CA ARG A 80 12.08 7.44 -5.10
C ARG A 80 12.68 6.30 -4.30
N ALA B 5 9.53 9.58 10.65
CA ALA B 5 9.62 9.50 9.20
C ALA B 5 8.97 8.16 8.72
N PRO B 6 8.42 8.11 7.51
CA PRO B 6 7.71 6.92 7.07
C PRO B 6 8.64 5.89 6.44
N TRP B 7 8.26 4.60 6.57
CA TRP B 7 9.03 3.45 6.09
C TRP B 7 8.11 2.56 5.28
N VAL B 8 8.72 1.63 4.50
CA VAL B 8 7.98 0.65 3.69
C VAL B 8 8.58 -0.73 3.95
N THR B 9 7.76 -1.76 3.84
CA THR B 9 8.22 -3.15 3.82
C THR B 9 8.14 -3.65 2.38
N ILE B 10 9.21 -4.31 1.94
CA ILE B 10 9.36 -4.82 0.58
C ILE B 10 9.47 -6.33 0.67
N VAL B 11 8.75 -7.06 -0.17
CA VAL B 11 8.87 -8.52 -0.29
C VAL B 11 9.62 -8.81 -1.59
N TRP B 12 10.53 -9.77 -1.54
CA TRP B 12 11.41 -10.16 -2.65
C TRP B 12 11.01 -11.53 -3.15
N ASP B 13 11.09 -11.71 -4.47
CA ASP B 13 10.76 -12.99 -5.09
C ASP B 13 11.72 -14.07 -4.61
N ASP B 14 11.17 -15.25 -4.36
CA ASP B 14 11.92 -16.42 -3.93
C ASP B 14 11.50 -17.62 -4.78
N PRO B 15 12.35 -18.62 -4.94
CA PRO B 15 12.02 -19.72 -5.87
C PRO B 15 11.30 -20.92 -5.23
N VAL B 16 10.87 -20.80 -3.98
CA VAL B 16 10.26 -21.90 -3.24
C VAL B 16 8.76 -21.68 -3.06
N ASN B 17 8.37 -20.52 -2.55
CA ASN B 17 7.00 -20.33 -2.10
C ASN B 17 6.04 -20.34 -3.28
N LEU B 18 4.88 -20.96 -3.06
CA LEU B 18 3.80 -20.93 -4.04
C LEU B 18 3.23 -19.53 -4.17
N MET B 19 2.87 -19.17 -5.40
CA MET B 19 2.15 -17.93 -5.64
CA MET B 19 2.15 -17.92 -5.64
C MET B 19 0.88 -17.83 -4.80
N SER B 20 0.15 -18.94 -4.69
CA SER B 20 -1.10 -18.93 -3.93
C SER B 20 -0.82 -18.70 -2.45
N TYR B 21 0.33 -19.18 -1.98
CA TYR B 21 0.69 -18.96 -0.58
C TYR B 21 0.97 -17.49 -0.33
N VAL B 22 1.69 -16.85 -1.26
CA VAL B 22 2.02 -15.43 -1.06
C VAL B 22 0.76 -14.58 -1.02
N THR B 23 -0.20 -14.88 -1.89
CA THR B 23 -1.46 -14.12 -1.89
C THR B 23 -2.18 -14.28 -0.55
N TYR B 24 -2.26 -15.51 -0.07
CA TYR B 24 -2.88 -15.78 1.21
C TYR B 24 -2.15 -15.05 2.35
N VAL B 25 -0.81 -15.12 2.38
CA VAL B 25 -0.04 -14.48 3.44
C VAL B 25 -0.28 -12.98 3.47
N PHE B 26 -0.37 -12.35 2.29
CA PHE B 26 -0.67 -10.92 2.25
C PHE B 26 -2.05 -10.62 2.81
N GLN B 27 -3.04 -11.46 2.53
CA GLN B 27 -4.34 -11.25 3.13
C GLN B 27 -4.30 -11.48 4.63
N LYS B 28 -3.61 -12.52 5.06
CA LYS B 28 -3.59 -12.88 6.47
C LYS B 28 -2.88 -11.81 7.28
N LEU B 29 -1.73 -11.37 6.82
CA LEU B 29 -0.90 -10.47 7.63
C LEU B 29 -1.36 -9.03 7.57
N PHE B 30 -1.90 -8.60 6.44
CA PHE B 30 -2.24 -7.20 6.22
C PHE B 30 -3.72 -6.95 6.08
N GLY B 31 -4.55 -7.99 5.96
CA GLY B 31 -5.99 -7.79 5.84
C GLY B 31 -6.43 -7.29 4.48
N TYR B 32 -5.57 -7.35 3.48
CA TYR B 32 -5.89 -6.83 2.17
C TYR B 32 -6.98 -7.66 1.50
N SER B 33 -7.67 -7.01 0.57
CA SER B 33 -8.60 -7.71 -0.30
C SER B 33 -7.84 -8.74 -1.16
N GLU B 34 -8.59 -9.72 -1.64
CA GLU B 34 -7.97 -10.75 -2.47
C GLU B 34 -7.40 -10.18 -3.77
N PRO B 35 -8.07 -9.26 -4.49
CA PRO B 35 -7.43 -8.71 -5.69
C PRO B 35 -6.19 -7.90 -5.42
N HIS B 36 -6.17 -7.15 -4.33
CA HIS B 36 -4.98 -6.36 -4.01
C HIS B 36 -3.81 -7.26 -3.61
N ALA B 37 -4.09 -8.27 -2.78
CA ALA B 37 -3.06 -9.24 -2.41
C ALA B 37 -2.51 -9.95 -3.63
N THR B 38 -3.39 -10.30 -4.57
CA THR B 38 -2.96 -10.93 -5.82
C THR B 38 -2.11 -9.97 -6.66
N LYS B 39 -2.52 -8.71 -6.75
CA LYS B 39 -1.75 -7.69 -7.47
C LYS B 39 -0.33 -7.59 -6.94
N LEU B 40 -0.20 -7.50 -5.61
CA LEU B 40 1.12 -7.36 -4.99
C LEU B 40 1.94 -8.62 -5.20
N MET B 41 1.30 -9.79 -5.10
CA MET B 41 2.02 -11.02 -5.35
C MET B 41 2.57 -11.05 -6.76
N LEU B 42 1.77 -10.62 -7.74
CA LEU B 42 2.21 -10.65 -9.12
C LEU B 42 3.35 -9.65 -9.36
N GLN B 43 3.31 -8.51 -8.66
CA GLN B 43 4.41 -7.56 -8.75
CA GLN B 43 4.41 -7.56 -8.75
C GLN B 43 5.70 -8.17 -8.24
N VAL B 44 5.65 -8.87 -7.10
CA VAL B 44 6.83 -9.60 -6.61
C VAL B 44 7.35 -10.56 -7.67
N HIS B 45 6.45 -11.32 -8.28
CA HIS B 45 6.89 -12.35 -9.20
C HIS B 45 7.43 -11.77 -10.49
N ASN B 46 6.76 -10.76 -11.03
CA ASN B 46 7.12 -10.23 -12.34
C ASN B 46 8.26 -9.23 -12.26
N GLU B 47 8.25 -8.34 -11.24
CA GLU B 47 9.28 -7.31 -11.07
C GLU B 47 10.38 -7.72 -10.10
N GLY B 48 10.24 -8.84 -9.38
CA GLY B 48 11.25 -9.29 -8.45
C GLY B 48 11.08 -8.79 -7.04
N LYS B 49 10.24 -7.77 -6.83
CA LYS B 49 10.04 -7.18 -5.52
C LYS B 49 8.79 -6.31 -5.56
N ALA B 50 8.26 -6.01 -4.37
CA ALA B 50 7.12 -5.13 -4.24
C ALA B 50 7.04 -4.54 -2.84
N VAL B 51 6.68 -3.27 -2.76
CA VAL B 51 6.28 -2.65 -1.50
C VAL B 51 4.93 -3.24 -1.10
N VAL B 52 4.88 -3.86 0.07
CA VAL B 52 3.67 -4.52 0.55
C VAL B 52 3.00 -3.80 1.73
N SER B 53 3.68 -2.91 2.42
CA SER B 53 3.12 -2.22 3.57
CA SER B 53 3.13 -2.24 3.58
C SER B 53 3.93 -0.97 3.81
N ALA B 54 3.35 -0.07 4.60
CA ALA B 54 3.92 1.24 4.80
C ALA B 54 3.42 1.79 6.12
N GLY B 55 4.31 2.44 6.85
CA GLY B 55 3.97 3.08 8.09
C GLY B 55 5.23 3.43 8.86
N SER B 56 5.10 3.38 10.18
CA SER B 56 6.23 3.70 11.03
C SER B 56 7.29 2.61 10.94
N ARG B 57 8.52 3.00 11.26
CA ARG B 57 9.64 2.05 11.39
C ARG B 57 9.28 0.87 12.26
N GLU B 58 8.67 1.12 13.43
CA GLU B 58 8.35 0.04 14.35
C GLU B 58 7.32 -0.90 13.75
N SER B 59 6.33 -0.34 13.06
CA SER B 59 5.33 -1.17 12.39
C SER B 59 5.96 -2.01 11.29
N MET B 60 6.86 -1.42 10.52
CA MET B 60 7.50 -2.17 9.44
C MET B 60 8.42 -3.24 9.99
N GLU B 61 9.06 -3.00 11.14
CA GLU B 61 9.88 -4.02 11.78
C GLU B 61 9.05 -5.28 12.06
N VAL B 62 7.82 -5.08 12.55
CA VAL B 62 6.96 -6.21 12.87
C VAL B 62 6.44 -6.87 11.61
N ASP B 63 6.10 -6.07 10.58
CA ASP B 63 5.66 -6.66 9.31
C ASP B 63 6.77 -7.54 8.72
N VAL B 64 8.02 -7.09 8.84
CA VAL B 64 9.14 -7.87 8.35
C VAL B 64 9.21 -9.18 9.12
N SER B 65 9.11 -9.10 10.44
CA SER B 65 9.20 -10.29 11.28
C SER B 65 8.07 -11.27 10.98
N LYS B 66 6.85 -10.75 10.80
CA LYS B 66 5.70 -11.59 10.46
C LYS B 66 5.92 -12.31 9.13
N LEU B 67 6.47 -11.59 8.17
CA LEU B 67 6.68 -12.18 6.84
C LEU B 67 7.79 -13.21 6.90
N HIS B 68 8.85 -12.93 7.66
CA HIS B 68 9.91 -13.92 7.81
C HIS B 68 9.41 -15.19 8.47
N ALA B 69 8.56 -15.05 9.48
CA ALA B 69 8.00 -16.23 10.14
C ALA B 69 7.12 -17.01 9.19
N ALA B 70 6.46 -16.34 8.27
CA ALA B 70 5.66 -17.00 7.24
C ALA B 70 6.51 -17.64 6.15
N GLY B 71 7.83 -17.41 6.16
CA GLY B 71 8.72 -17.98 5.18
C GLY B 71 9.00 -17.10 3.97
N LEU B 72 8.57 -15.84 3.98
CA LEU B 72 8.80 -14.92 2.88
C LEU B 72 10.00 -14.04 3.19
N TRP B 73 10.60 -13.51 2.14
CA TRP B 73 11.81 -12.70 2.23
C TRP B 73 11.41 -11.23 2.18
N ALA B 74 11.66 -10.54 3.29
CA ALA B 74 11.21 -9.17 3.45
C ALA B 74 12.32 -8.31 4.00
N THR B 75 12.35 -7.07 3.54
CA THR B 75 13.21 -6.03 4.05
C THR B 75 12.37 -4.77 4.25
N MET B 76 12.96 -3.80 4.96
N MET B 76 12.99 -3.78 4.87
CA MET B 76 12.37 -2.48 5.11
CA MET B 76 12.37 -2.49 5.08
C MET B 76 13.37 -1.40 4.72
C MET B 76 13.36 -1.38 4.77
N GLN B 77 12.83 -0.25 4.32
CA GLN B 77 13.65 0.91 4.05
C GLN B 77 12.82 2.16 4.23
N GLN B 78 13.52 3.27 4.39
CA GLN B 78 12.88 4.53 4.68
C GLN B 78 12.29 5.10 3.41
N ASP B 79 11.06 5.60 3.51
CA ASP B 79 10.35 6.18 2.38
C ASP B 79 10.71 7.65 2.28
N ARG B 80 10.43 8.24 1.12
CA ARG B 80 10.97 9.57 0.78
C ARG B 80 9.94 10.47 0.10
#